data_4B23
#
_entry.id   4B23
#
_cell.length_a   68.480
_cell.length_b   84.520
_cell.length_c   125.750
_cell.angle_alpha   90.00
_cell.angle_beta   90.00
_cell.angle_gamma   90.00
#
_symmetry.space_group_name_H-M   'I 2 2 2'
#
loop_
_entity.id
_entity.type
_entity.pdbx_description
1 polymer 'MAG2, DNA-3-METHYLADENINE GLYCOSYLASE 2'
2 polymer "5'-D(*GP*CP*TP*AP*CP*(3DR)P*AP*AP*TP*CP*GP)-3'"
3 polymer "5'-D(*CP*GP*AP*TP*TP*GP*GP*TP*AP*GP*CP)-3'"
4 water water
#
loop_
_entity_poly.entity_id
_entity_poly.type
_entity_poly.pdbx_seq_one_letter_code
_entity_poly.pdbx_strand_id
1 'polypeptide(L)'
;MGSSHHHHHSSGLVPRGSHMSKDSDYKRAEKHLSSIDNKWSSLVKKVGPCTLTPHPEHAPYEGIIRAITSQKLSDAATNS
IINKFCTQCSDNDEFPTPKQIMETDVETLHECGFSKLKSQEIHIVAEAALNKQIPSKSEIEKMSEEELMESLSKIKGVKR
WTIEMYSIFTLGRLDIMPADDSTLKNEAKEFFGLSSKPQTEEVEKLTKPCKPYRTIAAWYLWQIPKLHRKGQ
;
A
2 'polydeoxyribonucleotide' (DG)(DC)(DT)(DA)(DC)(3DR)(DA)(DA)(DT)(DC)(DG) X
3 'polydeoxyribonucleotide' (DC)(DG)(DA)(DT)(DT)(DG)(DG)(DT)(DA)(DG)(DC) Y
#
loop_
_chem_comp.id
_chem_comp.type
_chem_comp.name
_chem_comp.formula
3DR DNA linking 1',2'-DIDEOXYRIBOFURANOSE-5'-PHOSPHATE 'C5 H11 O6 P'
DA DNA linking 2'-DEOXYADENOSINE-5'-MONOPHOSPHATE 'C10 H14 N5 O6 P'
DC DNA linking 2'-DEOXYCYTIDINE-5'-MONOPHOSPHATE 'C9 H14 N3 O7 P'
DG DNA linking 2'-DEOXYGUANOSINE-5'-MONOPHOSPHATE 'C10 H14 N5 O7 P'
DT DNA linking THYMIDINE-5'-MONOPHOSPHATE 'C10 H15 N2 O8 P'
#
# COMPACT_ATOMS: atom_id res chain seq x y z
N LYS A 22 -2.24 -17.26 -5.39
CA LYS A 22 -2.62 -15.88 -5.83
C LYS A 22 -3.84 -15.93 -6.73
N ASP A 23 -3.87 -16.92 -7.61
CA ASP A 23 -4.99 -17.10 -8.53
C ASP A 23 -6.10 -17.79 -7.75
N SER A 24 -5.75 -18.88 -7.09
CA SER A 24 -6.72 -19.62 -6.29
C SER A 24 -7.17 -18.74 -5.14
N ASP A 25 -6.26 -17.90 -4.64
CA ASP A 25 -6.57 -16.98 -3.56
C ASP A 25 -7.66 -16.01 -3.97
N TYR A 26 -7.48 -15.40 -5.14
CA TYR A 26 -8.44 -14.42 -5.64
C TYR A 26 -9.80 -15.05 -5.97
N LYS A 27 -9.81 -16.18 -6.65
CA LYS A 27 -11.08 -16.82 -7.00
C LYS A 27 -11.82 -17.15 -5.70
N ARG A 28 -11.09 -17.58 -4.69
CA ARG A 28 -11.66 -17.92 -3.39
C ARG A 28 -12.21 -16.67 -2.70
N ALA A 29 -11.48 -15.57 -2.82
CA ALA A 29 -11.88 -14.31 -2.20
C ALA A 29 -13.11 -13.78 -2.92
N GLU A 30 -13.08 -13.84 -4.24
CA GLU A 30 -14.20 -13.35 -5.04
C GLU A 30 -15.48 -14.13 -4.71
N LYS A 31 -15.33 -15.41 -4.41
CA LYS A 31 -16.49 -16.24 -4.08
C LYS A 31 -17.06 -15.84 -2.74
N HIS A 32 -16.18 -15.60 -1.77
CA HIS A 32 -16.64 -15.19 -0.45
C HIS A 32 -17.36 -13.85 -0.53
N LEU A 33 -16.79 -12.92 -1.30
CA LEU A 33 -17.39 -11.60 -1.44
C LEU A 33 -18.73 -11.68 -2.18
N SER A 34 -18.95 -12.77 -2.88
CA SER A 34 -20.20 -12.97 -3.60
C SER A 34 -21.17 -13.74 -2.70
N SER A 35 -20.70 -14.13 -1.51
CA SER A 35 -21.51 -14.87 -0.56
C SER A 35 -21.96 -14.13 0.66
N ILE A 36 -21.69 -12.82 0.72
CA ILE A 36 -22.14 -12.02 1.89
C ILE A 36 -23.41 -11.32 1.44
N ASP A 37 -23.76 -10.16 1.98
CA ASP A 37 -24.96 -9.54 1.45
C ASP A 37 -24.67 -9.21 -0.01
N ASN A 38 -25.73 -8.95 -0.77
CA ASN A 38 -25.63 -8.80 -2.20
C ASN A 38 -25.16 -7.52 -2.93
N LYS A 39 -24.84 -6.45 -2.20
CA LYS A 39 -24.29 -5.31 -2.90
C LYS A 39 -22.86 -5.70 -3.23
N TRP A 40 -22.26 -6.54 -2.37
CA TRP A 40 -20.91 -7.03 -2.60
C TRP A 40 -20.90 -7.96 -3.82
N SER A 41 -21.92 -8.80 -3.90
CA SER A 41 -22.05 -9.73 -5.02
C SER A 41 -22.17 -8.95 -6.31
N SER A 42 -22.97 -7.89 -6.26
CA SER A 42 -23.21 -7.02 -7.41
C SER A 42 -21.94 -6.29 -7.87
N LEU A 43 -21.18 -5.75 -6.93
CA LEU A 43 -19.95 -5.02 -7.24
C LEU A 43 -18.92 -5.95 -7.87
N VAL A 44 -18.74 -7.12 -7.28
CA VAL A 44 -17.78 -8.09 -7.80
C VAL A 44 -18.09 -8.43 -9.25
N LYS A 45 -19.36 -8.69 -9.55
CA LYS A 45 -19.77 -9.04 -10.91
C LYS A 45 -19.54 -7.92 -11.92
N LYS A 46 -19.84 -6.68 -11.51
CA LYS A 46 -19.65 -5.52 -12.38
C LYS A 46 -18.19 -5.20 -12.65
N VAL A 47 -17.35 -5.34 -11.63
CA VAL A 47 -15.93 -5.03 -11.76
C VAL A 47 -15.16 -6.16 -12.46
N GLY A 48 -15.57 -7.39 -12.21
CA GLY A 48 -14.90 -8.51 -12.82
C GLY A 48 -13.81 -9.06 -11.91
N PRO A 49 -12.91 -9.90 -12.44
CA PRO A 49 -11.81 -10.51 -11.68
C PRO A 49 -10.82 -9.50 -11.08
N CYS A 50 -10.36 -9.79 -9.87
CA CYS A 50 -9.40 -8.91 -9.20
C CYS A 50 -8.06 -8.97 -9.93
N THR A 51 -7.57 -7.81 -10.35
CA THR A 51 -6.31 -7.74 -11.06
C THR A 51 -5.19 -7.14 -10.22
N LEU A 52 -5.38 -7.10 -8.90
CA LEU A 52 -4.37 -6.54 -8.01
C LEU A 52 -3.06 -7.32 -8.20
N THR A 53 -1.99 -6.58 -8.42
CA THR A 53 -0.68 -7.20 -8.63
C THR A 53 0.39 -6.75 -7.64
N PRO A 54 0.50 -7.44 -6.50
CA PRO A 54 1.49 -7.09 -5.48
C PRO A 54 2.91 -7.49 -5.92
N HIS A 55 3.92 -6.98 -5.23
CA HIS A 55 5.30 -7.27 -5.58
C HIS A 55 6.15 -7.66 -4.39
N PRO A 56 5.91 -8.85 -3.82
CA PRO A 56 6.68 -9.32 -2.66
C PRO A 56 8.16 -9.54 -2.96
N GLU A 57 8.54 -9.52 -4.24
CA GLU A 57 9.95 -9.72 -4.60
C GLU A 57 10.73 -8.48 -4.19
N HIS A 58 10.02 -7.36 -4.02
CA HIS A 58 10.65 -6.11 -3.62
C HIS A 58 11.15 -6.18 -2.18
N ALA A 59 12.38 -5.70 -1.96
CA ALA A 59 12.97 -5.69 -0.63
C ALA A 59 12.16 -4.73 0.22
N PRO A 60 12.17 -4.92 1.56
CA PRO A 60 11.42 -4.05 2.46
C PRO A 60 11.69 -2.57 2.25
N TYR A 61 12.97 -2.19 2.14
CA TYR A 61 13.30 -0.78 1.94
C TYR A 61 12.66 -0.21 0.67
N GLU A 62 12.57 -1.03 -0.38
CA GLU A 62 11.97 -0.56 -1.62
C GLU A 62 10.47 -0.40 -1.43
N GLY A 63 9.83 -1.44 -0.92
CA GLY A 63 8.40 -1.37 -0.69
C GLY A 63 8.05 -0.19 0.18
N ILE A 64 8.85 0.03 1.23
CA ILE A 64 8.60 1.15 2.13
C ILE A 64 8.74 2.50 1.42
N ILE A 65 9.81 2.67 0.66
CA ILE A 65 10.00 3.92 -0.06
C ILE A 65 8.85 4.17 -1.06
N ARG A 66 8.40 3.11 -1.74
CA ARG A 66 7.31 3.26 -2.70
C ARG A 66 6.04 3.71 -1.98
N ALA A 67 5.80 3.15 -0.80
CA ALA A 67 4.63 3.49 -0.01
C ALA A 67 4.72 4.93 0.49
N ILE A 68 5.89 5.33 0.94
CA ILE A 68 6.09 6.69 1.44
C ILE A 68 5.80 7.69 0.32
N THR A 69 6.37 7.41 -0.85
CA THR A 69 6.19 8.28 -2.00
C THR A 69 4.71 8.49 -2.36
N SER A 70 3.92 7.43 -2.25
CA SER A 70 2.50 7.49 -2.62
C SER A 70 1.63 8.33 -1.69
N GLN A 71 2.14 8.70 -0.52
CA GLN A 71 1.38 9.50 0.43
C GLN A 71 0.90 10.81 -0.21
N LYS A 72 -0.42 11.00 -0.22
CA LYS A 72 -1.02 12.22 -0.76
C LYS A 72 -0.85 12.39 -2.27
N LEU A 73 -0.36 11.35 -2.93
CA LEU A 73 -0.16 11.40 -4.38
C LEU A 73 -0.86 10.27 -5.13
N SER A 74 -1.39 10.59 -6.30
CA SER A 74 -2.08 9.61 -7.13
C SER A 74 -1.05 8.61 -7.65
N ASP A 75 -1.51 7.45 -8.11
CA ASP A 75 -0.60 6.44 -8.63
C ASP A 75 0.22 7.02 -9.79
N ALA A 76 -0.43 7.79 -10.66
CA ALA A 76 0.26 8.38 -11.81
C ALA A 76 1.37 9.33 -11.37
N ALA A 77 1.05 10.25 -10.46
CA ALA A 77 2.05 11.19 -9.97
C ALA A 77 3.20 10.43 -9.33
N THR A 78 2.85 9.44 -8.51
CA THR A 78 3.84 8.62 -7.83
C THR A 78 4.73 7.90 -8.85
N ASN A 79 4.14 7.41 -9.93
CA ASN A 79 4.89 6.71 -10.97
C ASN A 79 5.90 7.61 -11.67
N SER A 80 5.50 8.84 -11.98
CA SER A 80 6.39 9.75 -12.67
C SER A 80 7.62 10.04 -11.81
N ILE A 81 7.41 10.19 -10.51
CA ILE A 81 8.50 10.47 -9.57
C ILE A 81 9.45 9.27 -9.46
N ILE A 82 8.90 8.09 -9.21
CA ILE A 82 9.73 6.89 -9.11
C ILE A 82 10.49 6.63 -10.42
N ASN A 83 9.84 6.86 -11.55
CA ASN A 83 10.49 6.68 -12.86
C ASN A 83 11.76 7.51 -12.93
N LYS A 84 11.65 8.79 -12.61
CA LYS A 84 12.81 9.67 -12.63
C LYS A 84 13.85 9.12 -11.66
N PHE A 85 13.39 8.80 -10.46
CA PHE A 85 14.23 8.26 -9.40
C PHE A 85 15.05 7.07 -9.89
N CYS A 86 14.38 6.11 -10.53
CA CYS A 86 15.04 4.92 -11.06
C CYS A 86 15.93 5.24 -12.27
N THR A 87 15.47 6.16 -13.11
CA THR A 87 16.22 6.55 -14.31
C THR A 87 17.54 7.24 -14.01
N GLN A 88 17.57 8.08 -12.98
CA GLN A 88 18.78 8.80 -12.64
C GLN A 88 19.65 8.15 -11.57
N CYS A 89 19.05 7.81 -10.44
CA CYS A 89 19.78 7.21 -9.33
C CYS A 89 20.23 5.76 -9.53
N SER A 90 19.68 5.10 -10.55
CA SER A 90 20.06 3.73 -10.84
C SER A 90 20.84 3.69 -12.15
N ASP A 91 21.76 2.74 -12.27
CA ASP A 91 22.58 2.63 -13.48
C ASP A 91 21.96 1.66 -14.48
N ASN A 92 20.85 1.02 -14.10
CA ASN A 92 20.19 0.08 -14.99
C ASN A 92 18.67 0.17 -14.93
N ASP A 93 18.17 1.39 -14.71
CA ASP A 93 16.72 1.62 -14.63
C ASP A 93 16.06 0.78 -13.54
N GLU A 94 16.89 0.04 -12.80
CA GLU A 94 16.42 -0.81 -11.72
C GLU A 94 16.16 0.09 -10.51
N PHE A 95 15.58 -0.45 -9.44
CA PHE A 95 15.34 0.39 -8.28
C PHE A 95 16.66 0.67 -7.59
N PRO A 96 16.95 1.96 -7.30
CA PRO A 96 18.21 2.33 -6.65
C PRO A 96 18.46 1.46 -5.41
N THR A 97 19.71 1.08 -5.20
CA THR A 97 20.07 0.27 -4.04
C THR A 97 20.23 1.19 -2.83
N PRO A 98 20.20 0.65 -1.62
CA PRO A 98 20.35 1.48 -0.41
C PRO A 98 21.62 2.31 -0.50
N LYS A 99 22.71 1.67 -0.93
CA LYS A 99 23.98 2.37 -1.05
C LYS A 99 23.85 3.56 -2.01
N GLN A 100 23.27 3.32 -3.18
CA GLN A 100 23.11 4.38 -4.17
C GLN A 100 22.32 5.56 -3.60
N ILE A 101 21.23 5.27 -2.89
CA ILE A 101 20.41 6.32 -2.31
C ILE A 101 21.22 7.08 -1.25
N MET A 102 21.89 6.34 -0.37
CA MET A 102 22.70 6.94 0.68
C MET A 102 23.70 7.94 0.11
N GLU A 103 24.25 7.63 -1.05
CA GLU A 103 25.24 8.48 -1.68
C GLU A 103 24.64 9.58 -2.56
N THR A 104 23.37 9.92 -2.32
CA THR A 104 22.67 10.97 -3.04
C THR A 104 22.12 11.92 -1.98
N ASP A 105 22.47 13.20 -2.06
CA ASP A 105 21.96 14.14 -1.06
C ASP A 105 20.48 14.42 -1.27
N VAL A 106 19.81 14.79 -0.18
CA VAL A 106 18.39 15.09 -0.21
C VAL A 106 18.03 16.14 -1.24
N GLU A 107 18.97 17.03 -1.55
CA GLU A 107 18.73 18.07 -2.54
C GLU A 107 18.45 17.47 -3.92
N THR A 108 19.26 16.48 -4.30
CA THR A 108 19.12 15.81 -5.58
C THR A 108 17.87 14.93 -5.60
N LEU A 109 17.59 14.26 -4.49
CA LEU A 109 16.41 13.41 -4.40
C LEU A 109 15.17 14.28 -4.60
N HIS A 110 15.18 15.46 -3.99
CA HIS A 110 14.05 16.37 -4.09
C HIS A 110 13.79 16.79 -5.54
N GLU A 111 14.83 16.83 -6.34
CA GLU A 111 14.69 17.22 -7.74
C GLU A 111 13.96 16.16 -8.55
N CYS A 112 13.90 14.93 -8.05
CA CYS A 112 13.20 13.86 -8.75
C CYS A 112 11.69 14.05 -8.55
N GLY A 113 11.31 14.88 -7.57
CA GLY A 113 9.90 15.11 -7.32
C GLY A 113 9.44 14.77 -5.92
N PHE A 114 10.32 14.16 -5.11
CA PHE A 114 9.97 13.81 -3.75
C PHE A 114 9.88 15.12 -3.00
N SER A 115 8.96 15.24 -2.05
CA SER A 115 8.88 16.47 -1.29
C SER A 115 10.18 16.50 -0.50
N LYS A 116 10.56 17.67 0.01
CA LYS A 116 11.78 17.78 0.78
C LYS A 116 11.73 16.85 1.99
N LEU A 117 10.57 16.80 2.64
CA LEU A 117 10.41 15.93 3.81
C LEU A 117 10.59 14.47 3.42
N LYS A 118 9.91 14.04 2.36
CA LYS A 118 10.02 12.66 1.92
C LYS A 118 11.45 12.33 1.56
N SER A 119 12.14 13.29 0.94
CA SER A 119 13.53 13.10 0.54
C SER A 119 14.36 12.71 1.76
N GLN A 120 14.14 13.43 2.86
CA GLN A 120 14.84 13.19 4.11
C GLN A 120 14.53 11.79 4.65
N GLU A 121 13.25 11.46 4.72
CA GLU A 121 12.82 10.18 5.26
C GLU A 121 13.31 9.01 4.40
N ILE A 122 13.34 9.21 3.09
CA ILE A 122 13.78 8.16 2.18
C ILE A 122 15.27 7.90 2.34
N HIS A 123 16.02 8.96 2.61
CA HIS A 123 17.45 8.84 2.80
C HIS A 123 17.69 8.04 4.08
N ILE A 124 16.90 8.34 5.11
CA ILE A 124 17.02 7.64 6.38
C ILE A 124 16.67 6.16 6.25
N VAL A 125 15.64 5.86 5.45
CA VAL A 125 15.24 4.49 5.23
C VAL A 125 16.38 3.72 4.55
N ALA A 126 17.04 4.38 3.60
CA ALA A 126 18.16 3.77 2.89
C ALA A 126 19.29 3.45 3.86
N GLU A 127 19.58 4.38 4.76
CA GLU A 127 20.63 4.20 5.75
C GLU A 127 20.29 3.02 6.65
N ALA A 128 19.03 2.98 7.08
CA ALA A 128 18.55 1.92 7.94
C ALA A 128 18.70 0.55 7.28
N ALA A 129 18.33 0.47 6.00
CA ALA A 129 18.43 -0.80 5.28
C ALA A 129 19.90 -1.17 5.19
N LEU A 130 20.73 -0.19 4.85
CA LEU A 130 22.17 -0.42 4.75
C LEU A 130 22.77 -0.95 6.04
N ASN A 131 22.34 -0.38 7.17
CA ASN A 131 22.85 -0.79 8.47
C ASN A 131 22.06 -1.89 9.14
N LYS A 132 21.26 -2.62 8.37
CA LYS A 132 20.46 -3.72 8.89
C LYS A 132 19.57 -3.31 10.06
N GLN A 133 19.03 -2.10 10.00
CA GLN A 133 18.16 -1.59 11.05
C GLN A 133 16.69 -1.89 10.77
N ILE A 134 16.40 -2.33 9.55
CA ILE A 134 15.04 -2.67 9.15
C ILE A 134 14.86 -4.16 9.25
N PRO A 135 13.71 -4.62 9.75
CA PRO A 135 13.48 -6.07 9.87
C PRO A 135 13.70 -6.73 8.51
N SER A 136 14.30 -7.92 8.51
CA SER A 136 14.55 -8.64 7.27
C SER A 136 13.19 -9.03 6.69
N LYS A 137 13.15 -9.33 5.40
CA LYS A 137 11.88 -9.71 4.77
C LYS A 137 11.34 -11.00 5.41
N SER A 138 12.24 -11.91 5.76
CA SER A 138 11.83 -13.16 6.37
C SER A 138 11.14 -12.93 7.71
N GLU A 139 11.66 -11.99 8.47
CA GLU A 139 11.07 -11.68 9.77
C GLU A 139 9.74 -10.99 9.59
N ILE A 140 9.67 -10.12 8.59
CA ILE A 140 8.43 -9.40 8.30
C ILE A 140 7.32 -10.39 7.93
N GLU A 141 7.65 -11.38 7.11
CA GLU A 141 6.68 -12.37 6.70
C GLU A 141 6.17 -13.18 7.89
N LYS A 142 6.92 -13.17 8.99
CA LYS A 142 6.51 -13.90 10.19
C LYS A 142 5.75 -13.01 11.17
N MET A 143 5.70 -11.71 10.89
CA MET A 143 5.02 -10.79 11.78
C MET A 143 3.55 -10.62 11.44
N SER A 144 2.70 -10.55 12.47
CA SER A 144 1.28 -10.33 12.26
C SER A 144 1.20 -8.86 11.86
N GLU A 145 0.04 -8.42 11.39
CA GLU A 145 -0.10 -7.02 10.98
C GLU A 145 0.14 -6.09 12.16
N GLU A 146 -0.34 -6.48 13.34
CA GLU A 146 -0.17 -5.66 14.55
C GLU A 146 1.31 -5.52 14.92
N GLU A 147 2.06 -6.59 14.74
CA GLU A 147 3.49 -6.56 15.05
C GLU A 147 4.20 -5.69 14.01
N LEU A 148 3.78 -5.83 12.75
CA LEU A 148 4.35 -5.03 11.67
C LEU A 148 4.09 -3.56 11.94
N MET A 149 2.89 -3.24 12.39
CA MET A 149 2.52 -1.87 12.69
C MET A 149 3.42 -1.28 13.76
N GLU A 150 3.59 -2.03 14.85
CA GLU A 150 4.42 -1.59 15.98
C GLU A 150 5.88 -1.44 15.58
N SER A 151 6.34 -2.31 14.69
CA SER A 151 7.73 -2.30 14.25
C SER A 151 8.06 -1.22 13.24
N LEU A 152 7.33 -1.14 12.14
CA LEU A 152 7.63 -0.14 11.13
C LEU A 152 7.21 1.28 11.47
N SER A 153 6.28 1.43 12.42
CA SER A 153 5.82 2.76 12.82
C SER A 153 6.95 3.51 13.54
N LYS A 154 8.04 2.81 13.82
CA LYS A 154 9.20 3.42 14.48
C LYS A 154 9.96 4.26 13.44
N ILE A 155 9.68 4.01 12.15
CA ILE A 155 10.35 4.73 11.07
C ILE A 155 9.70 6.10 10.80
N LYS A 156 10.52 7.15 10.73
CA LYS A 156 10.00 8.49 10.47
C LYS A 156 9.32 8.54 9.11
N GLY A 157 8.05 8.95 9.10
CA GLY A 157 7.32 9.05 7.84
C GLY A 157 6.52 7.81 7.50
N VAL A 158 6.55 6.82 8.39
CA VAL A 158 5.82 5.58 8.17
C VAL A 158 4.87 5.32 9.34
N LYS A 159 3.58 5.40 9.08
CA LYS A 159 2.58 5.15 10.13
C LYS A 159 1.52 4.19 9.61
N ARG A 160 0.33 4.19 10.21
CA ARG A 160 -0.71 3.24 9.81
C ARG A 160 -1.01 3.06 8.30
N TRP A 161 -1.34 4.16 7.63
CA TRP A 161 -1.67 4.13 6.20
C TRP A 161 -0.54 3.57 5.35
N THR A 162 0.67 4.08 5.57
CA THR A 162 1.84 3.65 4.81
C THR A 162 2.12 2.17 4.99
N ILE A 163 1.96 1.68 6.22
CA ILE A 163 2.21 0.28 6.48
C ILE A 163 1.12 -0.59 5.83
N GLU A 164 -0.10 -0.06 5.77
CA GLU A 164 -1.20 -0.79 5.13
C GLU A 164 -0.91 -0.96 3.64
N MET A 165 -0.47 0.13 3.01
CA MET A 165 -0.16 0.11 1.58
C MET A 165 1.00 -0.85 1.28
N TYR A 166 2.00 -0.85 2.16
CA TYR A 166 3.14 -1.75 2.01
C TYR A 166 2.71 -3.20 2.15
N SER A 167 1.79 -3.45 3.08
CA SER A 167 1.26 -4.79 3.33
C SER A 167 0.48 -5.31 2.12
N ILE A 168 -0.25 -4.40 1.49
CA ILE A 168 -1.08 -4.74 0.33
C ILE A 168 -0.31 -4.85 -0.98
N PHE A 169 0.34 -3.75 -1.36
CA PHE A 169 1.06 -3.70 -2.63
C PHE A 169 2.43 -4.36 -2.69
N THR A 170 3.09 -4.53 -1.56
CA THR A 170 4.39 -5.20 -1.56
C THR A 170 4.26 -6.63 -0.99
N LEU A 171 3.83 -6.73 0.27
CA LEU A 171 3.71 -8.03 0.91
C LEU A 171 2.67 -8.98 0.30
N GLY A 172 1.57 -8.43 -0.21
CA GLY A 172 0.55 -9.26 -0.82
C GLY A 172 -0.42 -9.86 0.19
N ARG A 173 -0.53 -9.25 1.37
CA ARG A 173 -1.45 -9.77 2.37
C ARG A 173 -2.90 -9.58 1.91
N LEU A 174 -3.71 -10.57 2.21
CA LEU A 174 -5.11 -10.60 1.77
C LEU A 174 -6.18 -10.04 2.70
N ASP A 175 -5.87 -9.81 3.97
CA ASP A 175 -6.89 -9.32 4.88
C ASP A 175 -6.59 -7.97 5.49
N ILE A 176 -6.15 -7.05 4.64
CA ILE A 176 -5.83 -5.70 5.08
C ILE A 176 -6.95 -4.75 4.65
N MET A 177 -7.58 -4.10 5.63
CA MET A 177 -8.63 -3.13 5.33
C MET A 177 -8.09 -1.76 5.68
N PRO A 178 -7.68 -0.97 4.65
CA PRO A 178 -7.16 0.37 4.92
C PRO A 178 -8.34 1.30 5.16
N ALA A 179 -9.03 1.07 6.28
CA ALA A 179 -10.20 1.82 6.68
C ALA A 179 -9.96 3.31 6.82
N ASP A 180 -8.71 3.69 7.06
CA ASP A 180 -8.33 5.08 7.21
C ASP A 180 -8.06 5.79 5.88
N ASP A 181 -8.18 5.06 4.77
CA ASP A 181 -7.92 5.65 3.46
C ASP A 181 -9.06 6.58 3.04
N SER A 182 -8.72 7.83 2.72
CA SER A 182 -9.73 8.82 2.33
C SER A 182 -10.57 8.45 1.12
N THR A 183 -9.95 7.91 0.08
CA THR A 183 -10.69 7.49 -1.10
C THR A 183 -11.60 6.30 -0.75
N LEU A 184 -11.06 5.34 -0.01
CA LEU A 184 -11.88 4.19 0.36
C LEU A 184 -13.09 4.65 1.16
N LYS A 185 -12.90 5.65 2.03
CA LYS A 185 -14.02 6.17 2.82
C LYS A 185 -15.07 6.79 1.91
N ASN A 186 -14.61 7.53 0.89
CA ASN A 186 -15.55 8.13 -0.05
C ASN A 186 -16.36 7.03 -0.74
N GLU A 187 -15.67 5.95 -1.11
CA GLU A 187 -16.32 4.83 -1.78
C GLU A 187 -17.29 4.10 -0.87
N ALA A 188 -16.88 3.88 0.37
CA ALA A 188 -17.71 3.20 1.34
C ALA A 188 -18.99 3.97 1.58
N LYS A 189 -18.89 5.31 1.55
CA LYS A 189 -20.08 6.14 1.75
C LYS A 189 -21.13 5.83 0.68
N GLU A 190 -20.72 5.78 -0.57
CA GLU A 190 -21.63 5.49 -1.67
C GLU A 190 -22.13 4.05 -1.59
N PHE A 191 -21.17 3.13 -1.54
CA PHE A 191 -21.44 1.69 -1.48
C PHE A 191 -22.43 1.28 -0.41
N PHE A 192 -22.25 1.79 0.80
CA PHE A 192 -23.13 1.45 1.91
C PHE A 192 -24.27 2.47 2.06
N GLY A 193 -24.30 3.44 1.14
CA GLY A 193 -25.32 4.46 1.15
C GLY A 193 -25.39 5.22 2.47
N LEU A 194 -24.25 5.70 2.93
CA LEU A 194 -24.21 6.44 4.19
C LEU A 194 -24.55 7.91 3.95
N SER A 195 -25.04 8.60 4.97
CA SER A 195 -25.40 10.00 4.83
C SER A 195 -24.19 10.93 4.89
N SER A 196 -23.09 10.46 5.48
CA SER A 196 -21.89 11.28 5.55
C SER A 196 -20.65 10.40 5.46
N LYS A 197 -19.51 11.00 5.08
CA LYS A 197 -18.26 10.25 4.97
C LYS A 197 -18.03 9.55 6.30
N PRO A 198 -17.89 8.22 6.27
CA PRO A 198 -17.67 7.43 7.50
C PRO A 198 -16.33 7.61 8.17
N GLN A 199 -16.31 7.44 9.49
CA GLN A 199 -15.07 7.52 10.25
C GLN A 199 -14.37 6.19 10.03
N THR A 200 -13.12 6.10 10.45
CA THR A 200 -12.34 4.89 10.29
C THR A 200 -13.01 3.69 10.96
N GLU A 201 -13.42 3.87 12.21
CA GLU A 201 -14.08 2.80 12.96
C GLU A 201 -15.31 2.22 12.26
N GLU A 202 -16.11 3.08 11.64
CA GLU A 202 -17.32 2.65 10.93
C GLU A 202 -16.98 1.77 9.73
N VAL A 203 -15.99 2.19 8.94
CA VAL A 203 -15.58 1.40 7.78
C VAL A 203 -15.11 0.01 8.21
N GLU A 204 -14.35 -0.05 9.31
CA GLU A 204 -13.85 -1.33 9.80
C GLU A 204 -15.02 -2.23 10.19
N LYS A 205 -16.04 -1.64 10.81
CA LYS A 205 -17.21 -2.39 11.23
C LYS A 205 -18.02 -2.92 10.04
N LEU A 206 -18.27 -2.04 9.07
CA LEU A 206 -19.04 -2.41 7.89
C LEU A 206 -18.39 -3.45 6.99
N THR A 207 -17.06 -3.55 7.03
CA THR A 207 -16.37 -4.51 6.18
C THR A 207 -15.93 -5.79 6.88
N LYS A 208 -16.30 -5.93 8.14
CA LYS A 208 -15.95 -7.12 8.91
C LYS A 208 -16.36 -8.42 8.18
N PRO A 209 -17.55 -8.44 7.57
CA PRO A 209 -18.00 -9.65 6.87
C PRO A 209 -17.10 -10.08 5.72
N CYS A 210 -16.25 -9.16 5.26
CA CYS A 210 -15.34 -9.44 4.16
C CYS A 210 -14.14 -10.31 4.55
N LYS A 211 -13.88 -10.45 5.84
CA LYS A 211 -12.77 -11.29 6.30
C LYS A 211 -13.00 -12.70 5.75
N PRO A 212 -11.92 -13.44 5.45
CA PRO A 212 -10.52 -13.04 5.60
C PRO A 212 -9.91 -12.42 4.34
N TYR A 213 -10.72 -11.77 3.50
CA TYR A 213 -10.18 -11.19 2.28
C TYR A 213 -10.43 -9.69 2.17
N ARG A 214 -10.32 -8.98 3.28
CA ARG A 214 -10.57 -7.53 3.26
C ARG A 214 -9.68 -6.75 2.31
N THR A 215 -8.52 -7.28 1.95
CA THR A 215 -7.65 -6.59 0.99
C THR A 215 -8.37 -6.55 -0.35
N ILE A 216 -8.98 -7.67 -0.71
CA ILE A 216 -9.67 -7.78 -1.98
C ILE A 216 -10.96 -6.94 -1.95
N ALA A 217 -11.58 -6.86 -0.78
CA ALA A 217 -12.79 -6.05 -0.63
C ALA A 217 -12.45 -4.58 -0.85
N ALA A 218 -11.32 -4.15 -0.28
CA ALA A 218 -10.86 -2.77 -0.43
C ALA A 218 -10.59 -2.47 -1.91
N TRP A 219 -9.93 -3.41 -2.59
CA TRP A 219 -9.61 -3.26 -4.00
C TRP A 219 -10.88 -3.01 -4.81
N TYR A 220 -11.89 -3.85 -4.58
CA TYR A 220 -13.16 -3.67 -5.29
C TYR A 220 -13.75 -2.30 -5.03
N LEU A 221 -13.74 -1.83 -3.78
CA LEU A 221 -14.25 -0.51 -3.46
C LEU A 221 -13.45 0.53 -4.24
N TRP A 222 -12.14 0.32 -4.30
CA TRP A 222 -11.27 1.24 -5.02
C TRP A 222 -11.55 1.27 -6.53
N GLN A 223 -12.22 0.26 -7.05
CA GLN A 223 -12.52 0.19 -8.47
C GLN A 223 -13.81 0.91 -8.85
N ILE A 224 -14.61 1.26 -7.85
CA ILE A 224 -15.89 1.91 -8.10
C ILE A 224 -15.80 3.14 -9.00
N PRO A 225 -14.79 4.00 -8.80
CA PRO A 225 -14.68 5.19 -9.66
C PRO A 225 -14.57 4.81 -11.14
N LYS A 226 -13.69 3.86 -11.46
CA LYS A 226 -13.49 3.41 -12.84
C LYS A 226 -14.78 2.94 -13.51
N LEU A 227 -15.80 2.60 -12.73
CA LEU A 227 -17.06 2.18 -13.32
C LEU A 227 -17.79 3.41 -13.82
N HIS A 228 -17.38 3.93 -14.89
O5' 3DR B 6 -7.61 11.99 -0.86
P 3DR B 6 -8.78 12.10 -1.85
OP1 3DR B 6 -9.05 10.76 -2.53
OP2 3DR B 6 -9.87 12.60 -0.97
C2' 3DR B 6 -5.77 12.72 1.90
C5' 3DR B 6 -6.47 11.25 -1.16
C4' 3DR B 6 -5.45 11.95 -0.30
O4' 3DR B 6 -5.55 13.40 -0.34
C1' 3DR B 6 -5.43 13.89 0.98
C3' 3DR B 6 -5.19 11.55 1.14
O3' 3DR B 6 -3.88 11.23 1.41
#